data_8HQA
#
_entry.id   8HQA
#
_cell.length_a   64.280
_cell.length_b   64.280
_cell.length_c   231.060
_cell.angle_alpha   90.00
_cell.angle_beta   90.00
_cell.angle_gamma   90.00
#
_symmetry.space_group_name_H-M   'P 41 21 2'
#
loop_
_entity.id
_entity.type
_entity.pdbx_description
1 polymer 'Intermembrane phospholipid transport system binding protein MlaD'
2 water water
#
_entity_poly.entity_id   1
_entity_poly.type   'polypeptide(L)'
_entity_poly.pdbx_seq_one_letter_code
;MHHHHHHANVTSIRTEPTYTLYATFDNIGGLKARSPVSIGGVVVGRVADITLDPKTYLPRVTLEIEQRYNHIPDTSSLSI
RTSGLLGEQYLALNVGFEDPELGTAILKDGDTIQDTKSAMVLEDLIGQFLYGSKGDDNKNSGDAPAAAPGNNETTEPVGT
TK
;
_entity_poly.pdbx_strand_id   A,B,C
#
# COMPACT_ATOMS: atom_id res chain seq x y z
N GLU A 16 9.38 13.33 14.79
CA GLU A 16 10.33 13.07 13.66
C GLU A 16 9.56 12.46 12.49
N PRO A 17 9.60 13.05 11.26
CA PRO A 17 9.14 12.35 10.06
C PRO A 17 10.12 11.19 9.81
N THR A 18 9.68 10.18 9.08
CA THR A 18 10.44 8.93 8.86
C THR A 18 10.49 8.64 7.36
N TYR A 19 11.46 7.84 6.96
CA TYR A 19 11.51 7.30 5.59
C TYR A 19 11.44 5.76 5.63
N THR A 20 10.74 5.25 4.62
CA THR A 20 10.39 3.82 4.44
C THR A 20 11.62 3.06 3.91
N LEU A 21 11.84 1.85 4.42
CA LEU A 21 12.87 0.89 3.95
C LEU A 21 12.26 -0.50 3.99
N TYR A 22 12.69 -1.38 3.11
CA TYR A 22 12.17 -2.76 3.05
C TYR A 22 13.34 -3.75 3.12
N ALA A 23 13.08 -4.97 3.58
CA ALA A 23 14.12 -6.00 3.74
C ALA A 23 13.46 -7.37 3.81
N THR A 24 14.04 -8.38 3.16
CA THR A 24 13.55 -9.78 3.19
C THR A 24 14.58 -10.65 3.92
N PHE A 25 14.11 -11.47 4.86
CA PHE A 25 14.88 -12.43 5.68
C PHE A 25 14.32 -13.83 5.41
N ASP A 26 15.10 -14.88 5.70
CA ASP A 26 14.62 -16.27 5.69
C ASP A 26 13.69 -16.49 6.87
N ASN A 27 14.04 -15.98 8.06
CA ASN A 27 13.29 -16.19 9.33
C ASN A 27 13.42 -14.93 10.21
N ILE A 28 12.29 -14.31 10.58
CA ILE A 28 12.31 -13.04 11.35
C ILE A 28 12.15 -13.38 12.84
N GLY A 29 11.86 -14.63 13.14
CA GLY A 29 11.62 -15.07 14.53
C GLY A 29 10.73 -14.12 15.31
N GLY A 30 11.20 -13.71 16.49
CA GLY A 30 10.34 -13.09 17.52
C GLY A 30 10.05 -11.63 17.23
N LEU A 31 10.71 -11.10 16.19
CA LEU A 31 10.54 -9.71 15.68
C LEU A 31 9.08 -9.52 15.40
N LYS A 32 8.54 -8.38 15.77
CA LYS A 32 7.10 -8.06 15.55
C LYS A 32 7.00 -6.57 15.20
N ALA A 33 5.83 -6.19 14.71
CA ALA A 33 5.42 -4.78 14.56
C ALA A 33 5.80 -4.06 15.85
N ARG A 34 6.37 -2.86 15.69
CA ARG A 34 6.79 -1.91 16.73
C ARG A 34 8.20 -2.27 17.23
N SER A 35 8.76 -3.43 16.87
CA SER A 35 10.15 -3.80 17.27
C SER A 35 11.08 -2.67 16.85
N PRO A 36 12.09 -2.29 17.66
CA PRO A 36 13.03 -1.25 17.26
C PRO A 36 14.07 -1.61 16.18
N VAL A 37 14.65 -0.56 15.58
CA VAL A 37 15.84 -0.61 14.69
C VAL A 37 16.88 0.25 15.39
N SER A 38 17.99 -0.39 15.80
CA SER A 38 19.09 0.17 16.60
C SER A 38 20.25 0.40 15.66
N ILE A 39 21.08 1.40 15.92
CA ILE A 39 22.45 1.54 15.37
C ILE A 39 23.33 1.74 16.59
N GLY A 40 24.30 0.88 16.82
CA GLY A 40 25.21 1.06 17.98
C GLY A 40 24.44 0.92 19.28
N GLY A 41 23.23 0.36 19.18
CA GLY A 41 22.30 0.13 20.28
C GLY A 41 21.40 1.33 20.53
N VAL A 42 21.43 2.33 19.64
CA VAL A 42 20.53 3.51 19.72
C VAL A 42 19.39 3.32 18.73
N VAL A 43 18.16 3.52 19.19
CA VAL A 43 16.95 3.30 18.35
C VAL A 43 16.82 4.47 17.35
N VAL A 44 16.71 4.14 16.07
CA VAL A 44 16.69 5.10 14.93
C VAL A 44 15.41 4.89 14.14
N GLY A 45 14.49 4.06 14.65
CA GLY A 45 13.31 3.61 13.88
C GLY A 45 12.75 2.29 14.36
N ARG A 46 11.80 1.74 13.60
CA ARG A 46 10.79 0.76 14.07
C ARG A 46 10.40 -0.12 12.90
N VAL A 47 10.22 -1.41 13.13
CA VAL A 47 9.44 -2.30 12.24
C VAL A 47 8.01 -1.77 12.18
N ALA A 48 7.57 -1.45 10.97
CA ALA A 48 6.25 -0.83 10.71
C ALA A 48 5.27 -1.93 10.39
N ASP A 49 5.68 -2.88 9.56
CA ASP A 49 4.84 -4.04 9.21
C ASP A 49 5.76 -5.23 8.88
N ILE A 50 5.29 -6.44 9.19
CA ILE A 50 5.89 -7.72 8.72
C ILE A 50 4.83 -8.45 7.88
N THR A 51 5.16 -8.94 6.70
CA THR A 51 4.26 -9.80 5.88
C THR A 51 5.06 -10.79 5.04
N LEU A 52 4.37 -11.84 4.60
CA LEU A 52 5.00 -13.05 4.03
C LEU A 52 4.77 -12.99 2.52
N ASP A 53 5.84 -12.96 1.72
CA ASP A 53 5.73 -12.90 0.24
C ASP A 53 4.73 -13.95 -0.23
N PRO A 54 3.66 -13.54 -0.95
CA PRO A 54 2.69 -14.50 -1.49
C PRO A 54 3.34 -15.65 -2.28
N LYS A 55 4.49 -15.40 -2.93
CA LYS A 55 5.15 -16.33 -3.88
C LYS A 55 6.33 -17.09 -3.24
N THR A 56 7.24 -16.39 -2.54
CA THR A 56 8.49 -16.98 -1.97
C THR A 56 8.24 -17.59 -0.59
N TYR A 57 7.12 -17.27 0.05
CA TYR A 57 6.84 -17.60 1.48
C TYR A 57 8.04 -17.18 2.34
N LEU A 58 8.58 -16.00 2.06
CA LEU A 58 9.69 -15.37 2.83
C LEU A 58 9.19 -14.06 3.43
N PRO A 59 9.46 -13.79 4.71
CA PRO A 59 8.98 -12.57 5.34
C PRO A 59 9.69 -11.31 4.81
N ARG A 60 8.90 -10.29 4.50
CA ARG A 60 9.35 -8.91 4.13
C ARG A 60 9.01 -7.93 5.27
N VAL A 61 10.02 -7.29 5.81
CA VAL A 61 9.87 -6.26 6.84
C VAL A 61 9.82 -4.90 6.16
N THR A 62 8.90 -4.05 6.60
CA THR A 62 8.84 -2.61 6.30
C THR A 62 9.34 -1.86 7.53
N LEU A 63 10.35 -1.00 7.36
CA LEU A 63 10.96 -0.15 8.40
C LEU A 63 10.55 1.32 8.20
N GLU A 64 10.43 2.06 9.29
CA GLU A 64 10.39 3.53 9.25
C GLU A 64 11.57 4.03 10.09
N ILE A 65 12.45 4.78 9.45
CA ILE A 65 13.71 5.32 10.02
C ILE A 65 13.52 6.82 10.20
N GLU A 66 13.86 7.35 11.38
CA GLU A 66 13.83 8.81 11.64
C GLU A 66 14.66 9.49 10.54
N GLN A 67 14.18 10.62 10.03
CA GLN A 67 14.77 11.29 8.85
C GLN A 67 16.18 11.75 9.19
N ARG A 68 16.44 12.05 10.46
CA ARG A 68 17.73 12.66 10.81
C ARG A 68 18.86 11.65 10.58
N TYR A 69 18.53 10.40 10.26
CA TYR A 69 19.52 9.39 9.84
C TYR A 69 19.29 9.09 8.36
N ASN A 70 19.63 10.09 7.52
CA ASN A 70 19.37 10.05 6.06
C ASN A 70 20.57 9.48 5.32
N HIS A 71 21.80 9.66 5.84
CA HIS A 71 23.07 9.29 5.15
C HIS A 71 23.46 7.83 5.45
N ILE A 72 22.52 6.86 5.36
CA ILE A 72 22.80 5.41 5.49
C ILE A 72 22.99 4.76 4.12
N PRO A 73 24.20 4.19 3.83
CA PRO A 73 24.47 3.50 2.57
C PRO A 73 23.76 2.17 2.27
N ASP A 74 23.61 1.81 0.97
CA ASP A 74 23.04 0.52 0.48
C ASP A 74 23.84 -0.66 1.02
N THR A 75 25.15 -0.48 1.30
CA THR A 75 26.06 -1.59 1.70
C THR A 75 25.81 -1.98 3.17
N SER A 76 25.01 -1.16 3.88
CA SER A 76 24.46 -1.46 5.23
C SER A 76 23.72 -2.80 5.23
N SER A 77 23.69 -3.44 6.40
CA SER A 77 23.04 -4.75 6.66
C SER A 77 22.09 -4.66 7.87
N LEU A 78 21.22 -5.65 8.00
CA LEU A 78 20.35 -5.84 9.19
C LEU A 78 20.61 -7.25 9.71
N SER A 79 20.77 -7.38 11.03
CA SER A 79 20.75 -8.66 11.80
C SER A 79 19.60 -8.62 12.78
N ILE A 80 18.89 -9.72 12.91
CA ILE A 80 17.87 -9.87 13.98
C ILE A 80 18.60 -10.38 15.21
N ARG A 81 18.41 -9.70 16.36
CA ARG A 81 19.08 -9.99 17.65
C ARG A 81 18.11 -9.92 18.82
N THR A 82 18.54 -10.37 20.01
CA THR A 82 17.79 -10.33 21.29
C THR A 82 18.50 -9.41 22.28
N SER A 83 17.75 -8.67 23.14
CA SER A 83 18.26 -7.67 24.13
C SER A 83 18.39 -8.30 25.53
N GLY A 84 19.57 -8.84 25.86
CA GLY A 84 19.78 -9.71 27.04
C GLY A 84 19.25 -11.10 26.75
N LEU A 85 19.24 -11.97 27.75
CA LEU A 85 18.94 -13.41 27.56
C LEU A 85 17.45 -13.63 27.24
N LEU A 86 16.51 -13.09 28.04
CA LEU A 86 15.05 -13.25 27.80
C LEU A 86 14.52 -11.95 27.20
N GLY A 87 15.40 -11.21 26.51
CA GLY A 87 15.11 -9.86 25.98
C GLY A 87 14.07 -9.93 24.91
N GLU A 88 13.76 -8.78 24.32
CA GLU A 88 12.90 -8.68 23.11
C GLU A 88 13.80 -8.75 21.88
N GLN A 89 13.23 -9.04 20.71
CA GLN A 89 13.94 -9.08 19.40
CA GLN A 89 13.95 -9.09 19.40
C GLN A 89 14.02 -7.67 18.82
N TYR A 90 15.13 -7.32 18.18
CA TYR A 90 15.32 -5.99 17.57
C TYR A 90 16.14 -6.18 16.30
N LEU A 91 16.29 -5.13 15.52
CA LEU A 91 17.03 -5.16 14.23
C LEU A 91 18.29 -4.34 14.39
N ALA A 92 19.45 -4.94 14.21
CA ALA A 92 20.74 -4.23 14.29
C ALA A 92 21.12 -3.82 12.87
N LEU A 93 20.97 -2.52 12.58
CA LEU A 93 21.43 -1.91 11.32
C LEU A 93 22.90 -1.61 11.48
N ASN A 94 23.71 -2.25 10.65
CA ASN A 94 25.19 -2.09 10.60
C ASN A 94 25.52 -1.20 9.42
N VAL A 95 26.00 0.02 9.67
CA VAL A 95 26.24 1.02 8.60
C VAL A 95 27.45 0.54 7.79
N GLY A 96 27.30 0.33 6.47
CA GLY A 96 28.37 -0.11 5.54
C GLY A 96 29.22 1.09 5.09
N PHE A 97 30.33 0.84 4.37
CA PHE A 97 31.28 1.86 3.83
C PHE A 97 30.60 2.62 2.66
N GLU A 98 30.83 3.93 2.52
CA GLU A 98 30.37 4.78 1.37
C GLU A 98 31.47 4.85 0.27
N ASP A 99 31.11 4.58 -0.99
CA ASP A 99 31.85 4.94 -2.24
C ASP A 99 30.87 4.79 -3.42
N THR A 104 27.64 2.19 -2.67
CA THR A 104 27.89 3.45 -3.44
C THR A 104 26.94 4.56 -2.91
N ALA A 105 25.62 4.32 -2.96
CA ALA A 105 24.56 5.36 -2.85
C ALA A 105 24.00 5.42 -1.41
N ILE A 106 22.81 6.01 -1.25
CA ILE A 106 22.17 6.30 0.08
C ILE A 106 20.69 5.92 0.05
N LEU A 107 20.19 5.37 1.15
CA LEU A 107 18.82 4.81 1.19
C LEU A 107 17.81 5.96 1.44
N LYS A 108 16.60 5.88 0.84
CA LYS A 108 15.47 6.87 0.92
C LYS A 108 14.09 6.19 0.71
N ASP A 109 12.96 6.89 1.01
CA ASP A 109 11.60 6.26 1.11
C ASP A 109 11.55 5.26 -0.05
N GLY A 110 11.45 3.96 0.24
CA GLY A 110 11.12 2.92 -0.76
C GLY A 110 12.29 2.00 -1.10
N ASP A 111 13.50 2.35 -0.69
CA ASP A 111 14.71 1.55 -1.00
C ASP A 111 14.67 0.25 -0.19
N THR A 112 15.40 -0.77 -0.64
CA THR A 112 15.47 -2.11 0.02
C THR A 112 16.87 -2.31 0.63
N ILE A 113 16.97 -2.98 1.78
CA ILE A 113 18.29 -3.44 2.31
C ILE A 113 18.47 -4.89 1.88
N GLN A 114 19.45 -5.07 1.01
CA GLN A 114 19.77 -6.34 0.32
C GLN A 114 20.27 -7.31 1.38
N ASP A 115 21.28 -6.85 2.13
CA ASP A 115 22.08 -7.67 3.06
C ASP A 115 21.35 -7.83 4.40
N THR A 116 20.80 -9.02 4.67
CA THR A 116 20.04 -9.35 5.90
C THR A 116 20.63 -10.60 6.59
N LYS A 117 20.38 -10.77 7.89
CA LYS A 117 20.79 -11.97 8.67
C LYS A 117 19.62 -12.37 9.56
N SER A 118 19.17 -13.62 9.43
CA SER A 118 17.87 -14.04 10.00
C SER A 118 18.07 -14.33 11.50
N ALA A 119 17.02 -14.20 12.29
CA ALA A 119 16.99 -14.55 13.73
C ALA A 119 17.62 -15.93 13.90
N MET A 120 18.30 -16.18 15.02
CA MET A 120 18.65 -17.58 15.47
C MET A 120 17.37 -18.33 15.86
N VAL A 121 17.41 -19.64 15.76
CA VAL A 121 16.30 -20.54 16.15
C VAL A 121 16.79 -21.40 17.31
N LEU A 122 16.24 -21.20 18.51
CA LEU A 122 16.79 -21.83 19.74
C LEU A 122 17.04 -23.33 19.50
N GLU A 123 16.16 -24.00 18.75
CA GLU A 123 16.21 -25.47 18.51
C GLU A 123 17.40 -25.79 17.58
N ASP A 124 17.79 -24.90 16.67
CA ASP A 124 18.97 -25.11 15.78
C ASP A 124 20.25 -25.02 16.62
N LEU A 125 20.35 -24.07 17.53
CA LEU A 125 21.51 -23.92 18.45
C LEU A 125 21.63 -25.13 19.37
N ILE A 126 20.54 -25.71 19.82
CA ILE A 126 20.57 -26.87 20.77
C ILE A 126 21.04 -28.08 19.96
N GLY A 127 20.62 -28.18 18.71
CA GLY A 127 21.02 -29.30 17.81
C GLY A 127 22.47 -29.18 17.40
N GLN A 128 22.94 -27.95 17.20
CA GLN A 128 24.37 -27.64 17.01
C GLN A 128 25.12 -28.06 18.28
N PHE A 129 24.80 -27.39 19.39
CA PHE A 129 25.48 -27.59 20.70
C PHE A 129 25.51 -29.06 21.11
N LEU A 130 24.67 -29.94 20.56
CA LEU A 130 24.65 -31.39 20.93
C LEU A 130 25.28 -32.23 19.81
N TYR A 131 24.91 -32.01 18.54
CA TYR A 131 25.24 -32.88 17.38
C TYR A 131 26.06 -32.10 16.35
N ARG B 14 1.14 26.45 17.91
CA ARG B 14 1.10 25.10 18.56
C ARG B 14 0.10 24.15 17.85
N THR B 15 0.30 22.84 18.01
CA THR B 15 -0.52 21.74 17.40
C THR B 15 -0.60 20.53 18.35
N GLU B 16 -1.77 19.87 18.40
CA GLU B 16 -2.05 18.59 19.13
C GLU B 16 -1.02 17.53 18.73
N PRO B 17 -0.26 16.92 19.66
CA PRO B 17 0.73 15.91 19.28
C PRO B 17 -0.04 14.63 18.91
N THR B 18 0.53 13.77 18.08
CA THR B 18 -0.21 12.61 17.51
C THR B 18 0.62 11.33 17.60
N TYR B 19 -0.03 10.18 17.38
CA TYR B 19 0.64 8.87 17.26
C TYR B 19 0.31 8.24 15.92
N THR B 20 1.31 7.56 15.37
CA THR B 20 1.31 6.95 14.03
C THR B 20 0.54 5.62 14.11
N LEU B 21 -0.26 5.35 13.07
CA LEU B 21 -0.98 4.07 12.85
C LEU B 21 -0.90 3.75 11.38
N TYR B 22 -0.96 2.48 11.03
CA TYR B 22 -0.86 2.02 9.62
C TYR B 22 -2.04 1.13 9.33
N ALA B 23 -2.43 1.06 8.07
CA ALA B 23 -3.47 0.16 7.57
C ALA B 23 -3.22 -0.14 6.08
N THR B 24 -3.49 -1.36 5.66
CA THR B 24 -3.49 -1.75 4.23
C THR B 24 -4.93 -2.04 3.80
N PHE B 25 -5.32 -1.47 2.65
CA PHE B 25 -6.61 -1.64 1.95
C PHE B 25 -6.33 -2.27 0.59
N ASP B 26 -7.36 -2.84 -0.02
CA ASP B 26 -7.34 -3.32 -1.42
C ASP B 26 -7.37 -2.11 -2.33
N ASN B 27 -8.21 -1.12 -2.01
CA ASN B 27 -8.50 0.08 -2.85
C ASN B 27 -8.84 1.26 -1.94
N ILE B 28 -8.09 2.36 -2.03
CA ILE B 28 -8.26 3.55 -1.16
C ILE B 28 -9.13 4.58 -1.89
N GLY B 29 -9.45 4.33 -3.15
CA GLY B 29 -10.23 5.27 -3.97
C GLY B 29 -9.77 6.73 -3.82
N GLY B 30 -10.70 7.61 -3.52
CA GLY B 30 -10.47 9.07 -3.63
C GLY B 30 -9.69 9.63 -2.46
N LEU B 31 -9.49 8.80 -1.42
CA LEU B 31 -8.77 9.15 -0.17
C LEU B 31 -7.40 9.68 -0.59
N LYS B 32 -6.95 10.73 0.07
CA LYS B 32 -5.64 11.35 -0.23
C LYS B 32 -5.01 11.80 1.09
N ALA B 33 -3.72 12.13 1.00
CA ALA B 33 -3.00 12.83 2.07
C ALA B 33 -3.88 13.97 2.57
N ARG B 34 -3.96 14.13 3.90
CA ARG B 34 -4.65 15.20 4.65
C ARG B 34 -6.15 14.90 4.79
N SER B 35 -6.66 13.84 4.13
CA SER B 35 -8.03 13.33 4.37
C SER B 35 -8.22 13.12 5.86
N PRO B 36 -9.37 13.45 6.48
CA PRO B 36 -9.57 13.22 7.91
C PRO B 36 -9.81 11.75 8.34
N VAL B 37 -9.66 11.52 9.65
CA VAL B 37 -10.07 10.28 10.37
C VAL B 37 -11.10 10.70 11.43
N SER B 38 -12.34 10.24 11.26
CA SER B 38 -13.53 10.51 12.10
C SER B 38 -13.77 9.32 13.04
N ILE B 39 -14.30 9.56 14.23
CA ILE B 39 -14.94 8.56 15.11
C ILE B 39 -16.31 9.13 15.46
N GLY B 40 -17.39 8.45 15.11
CA GLY B 40 -18.74 8.97 15.37
C GLY B 40 -18.97 10.28 14.64
N GLY B 41 -18.14 10.51 13.62
CA GLY B 41 -18.16 11.70 12.76
C GLY B 41 -17.32 12.83 13.31
N VAL B 42 -16.60 12.62 14.40
CA VAL B 42 -15.69 13.63 15.02
C VAL B 42 -14.26 13.32 14.60
N VAL B 43 -13.56 14.34 14.14
CA VAL B 43 -12.20 14.21 13.55
C VAL B 43 -11.23 14.00 14.70
N VAL B 44 -10.44 12.95 14.62
CA VAL B 44 -9.47 12.53 15.67
C VAL B 44 -8.08 12.50 15.07
N GLY B 45 -7.92 12.94 13.81
CA GLY B 45 -6.69 12.69 13.05
C GLY B 45 -6.84 12.80 11.54
N ARG B 46 -5.77 12.45 10.83
CA ARG B 46 -5.53 12.78 9.40
C ARG B 46 -4.72 11.66 8.75
N VAL B 47 -5.04 11.32 7.50
CA VAL B 47 -4.16 10.52 6.63
C VAL B 47 -2.90 11.33 6.43
N ALA B 48 -1.76 10.77 6.79
CA ALA B 48 -0.47 11.47 6.77
C ALA B 48 0.17 11.19 5.42
N ASP B 49 0.19 9.92 5.04
CA ASP B 49 0.75 9.51 3.73
C ASP B 49 0.00 8.28 3.22
N ILE B 50 -0.15 8.18 1.89
CA ILE B 50 -0.59 6.95 1.19
C ILE B 50 0.56 6.54 0.27
N THR B 51 0.96 5.27 0.28
CA THR B 51 1.89 4.74 -0.74
C THR B 51 1.51 3.31 -1.12
N LEU B 52 1.93 2.94 -2.31
CA LEU B 52 1.55 1.67 -2.97
C LEU B 52 2.74 0.73 -2.82
N ASP B 53 2.55 -0.40 -2.13
CA ASP B 53 3.66 -1.35 -1.89
C ASP B 53 4.32 -1.72 -3.20
N PRO B 54 5.64 -1.49 -3.36
CA PRO B 54 6.31 -1.89 -4.59
C PRO B 54 6.16 -3.39 -4.93
N LYS B 55 5.85 -4.26 -3.96
CA LYS B 55 5.75 -5.73 -4.16
C LYS B 55 4.30 -6.20 -4.22
N THR B 56 3.44 -5.80 -3.28
CA THR B 56 2.05 -6.33 -3.13
C THR B 56 1.08 -5.57 -4.03
N TYR B 57 1.51 -4.40 -4.55
CA TYR B 57 0.69 -3.46 -5.34
C TYR B 57 -0.58 -3.20 -4.54
N LEU B 58 -0.44 -3.07 -3.21
CA LEU B 58 -1.54 -2.73 -2.28
C LEU B 58 -1.21 -1.41 -1.60
N PRO B 59 -2.20 -0.50 -1.51
CA PRO B 59 -1.97 0.78 -0.85
C PRO B 59 -1.85 0.63 0.68
N ARG B 60 -0.82 1.25 1.25
CA ARG B 60 -0.58 1.31 2.72
C ARG B 60 -0.76 2.76 3.21
N VAL B 61 -1.73 2.97 4.09
CA VAL B 61 -2.05 4.31 4.63
C VAL B 61 -1.34 4.47 5.97
N THR B 62 -0.71 5.61 6.18
CA THR B 62 -0.13 6.07 7.46
C THR B 62 -1.04 7.14 8.04
N LEU B 63 -1.49 6.97 9.27
CA LEU B 63 -2.44 7.85 10.02
C LEU B 63 -1.70 8.57 11.13
N GLU B 64 -2.12 9.79 11.45
CA GLU B 64 -1.72 10.47 12.71
C GLU B 64 -3.00 10.72 13.49
N ILE B 65 -3.06 10.15 14.69
CA ILE B 65 -4.22 10.25 15.60
C ILE B 65 -3.82 11.17 16.74
N GLU B 66 -4.65 12.15 17.08
CA GLU B 66 -4.42 13.01 18.26
C GLU B 66 -4.19 12.10 19.47
N GLN B 67 -3.21 12.45 20.32
CA GLN B 67 -2.74 11.61 21.46
C GLN B 67 -3.89 11.36 22.41
N ARG B 68 -4.76 12.35 22.53
CA ARG B 68 -5.81 12.37 23.56
C ARG B 68 -6.78 11.23 23.29
N TYR B 69 -6.67 10.55 22.15
CA TYR B 69 -7.46 9.33 21.84
C TYR B 69 -6.49 8.14 21.79
N ASN B 70 -6.00 7.78 22.98
CA ASN B 70 -4.93 6.76 23.19
C ASN B 70 -5.54 5.39 23.43
N HIS B 71 -6.76 5.30 24.00
CA HIS B 71 -7.40 4.01 24.40
C HIS B 71 -8.24 3.46 23.24
N ILE B 72 -7.68 3.30 22.02
CA ILE B 72 -8.36 2.59 20.90
C ILE B 72 -7.90 1.13 20.81
N PRO B 73 -8.81 0.11 20.94
CA PRO B 73 -8.46 -1.31 20.80
C PRO B 73 -8.08 -1.83 19.39
N ASP B 74 -7.31 -2.96 19.33
CA ASP B 74 -6.90 -3.62 18.06
C ASP B 74 -8.11 -4.06 17.24
N THR B 75 -9.23 -4.36 17.90
CA THR B 75 -10.44 -4.95 17.27
C THR B 75 -11.18 -3.85 16.48
N SER B 76 -10.78 -2.60 16.66
CA SER B 76 -11.19 -1.43 15.84
C SER B 76 -10.95 -1.68 14.34
N SER B 77 -11.76 -1.02 13.51
CA SER B 77 -11.72 -1.10 12.03
C SER B 77 -11.60 0.29 11.39
N LEU B 78 -11.23 0.31 10.12
CA LEU B 78 -11.33 1.50 9.25
C LEU B 78 -12.21 1.15 8.06
N SER B 79 -13.13 2.03 7.69
CA SER B 79 -13.82 2.03 6.38
C SER B 79 -13.52 3.34 5.69
N ILE B 80 -13.32 3.28 4.39
CA ILE B 80 -13.23 4.48 3.55
C ILE B 80 -14.66 4.82 3.16
N ARG B 81 -15.05 6.09 3.37
CA ARG B 81 -16.43 6.61 3.19
C ARG B 81 -16.37 7.96 2.48
N THR B 82 -17.53 8.43 2.00
CA THR B 82 -17.73 9.76 1.36
C THR B 82 -18.66 10.59 2.23
N SER B 83 -18.47 11.92 2.29
CA SER B 83 -19.23 12.90 3.13
C SER B 83 -20.37 13.55 2.32
N GLY B 84 -21.57 12.96 2.37
CA GLY B 84 -22.68 13.28 1.47
C GLY B 84 -22.42 12.67 0.11
N LEU B 85 -23.26 12.98 -0.89
CA LEU B 85 -23.23 12.26 -2.18
C LEU B 85 -22.03 12.70 -3.03
N LEU B 86 -21.78 14.01 -3.16
CA LEU B 86 -20.62 14.53 -3.94
C LEU B 86 -19.47 14.92 -2.98
N GLY B 87 -19.47 14.31 -1.79
CA GLY B 87 -18.60 14.67 -0.67
C GLY B 87 -17.15 14.35 -0.96
N GLU B 88 -16.27 14.63 -0.01
CA GLU B 88 -14.86 14.20 -0.02
C GLU B 88 -14.77 12.83 0.68
N GLN B 89 -13.68 12.11 0.46
CA GLN B 89 -13.41 10.76 1.04
C GLN B 89 -12.78 10.94 2.43
N TYR B 90 -13.13 10.09 3.39
CA TYR B 90 -12.58 10.17 4.76
C TYR B 90 -12.49 8.75 5.32
N LEU B 91 -11.89 8.59 6.50
CA LEU B 91 -11.70 7.26 7.14
C LEU B 91 -12.58 7.19 8.38
N ALA B 92 -13.49 6.23 8.41
CA ALA B 92 -14.32 5.99 9.60
C ALA B 92 -13.67 4.91 10.44
N LEU B 93 -13.09 5.33 11.56
CA LEU B 93 -12.52 4.41 12.57
C LEU B 93 -13.65 3.99 13.48
N ASN B 94 -13.95 2.70 13.52
CA ASN B 94 -15.00 2.12 14.38
C ASN B 94 -14.34 1.47 15.60
N VAL B 95 -14.52 2.03 16.81
CA VAL B 95 -13.92 1.50 18.06
C VAL B 95 -14.51 0.11 18.33
N GLY B 96 -13.67 -0.93 18.41
CA GLY B 96 -14.06 -2.33 18.70
C GLY B 96 -14.22 -2.57 20.19
N PHE B 97 -14.78 -3.71 20.61
CA PHE B 97 -15.01 -4.03 22.05
C PHE B 97 -13.68 -4.50 22.66
N GLU B 98 -13.46 -4.18 23.94
CA GLU B 98 -12.24 -4.51 24.76
C GLU B 98 -12.55 -5.82 25.51
N ASP B 99 -11.93 -6.96 25.15
CA ASP B 99 -12.26 -8.30 25.72
C ASP B 99 -11.36 -8.59 26.93
N PRO B 100 -11.98 -8.79 28.13
CA PRO B 100 -11.23 -9.09 29.35
C PRO B 100 -10.88 -10.58 29.41
N GLU B 101 -11.48 -11.42 28.54
CA GLU B 101 -11.21 -12.88 28.43
C GLU B 101 -9.74 -12.81 28.00
N LEU B 102 -9.48 -12.60 26.70
CA LEU B 102 -8.15 -12.29 26.10
C LEU B 102 -8.31 -11.71 24.68
N GLY B 103 -7.20 -11.64 23.96
CA GLY B 103 -7.10 -11.20 22.56
C GLY B 103 -7.02 -9.72 22.22
N THR B 104 -7.20 -8.86 23.23
CA THR B 104 -7.69 -7.46 23.04
C THR B 104 -6.80 -6.49 23.85
N ALA B 105 -5.79 -5.93 23.16
CA ALA B 105 -4.88 -4.86 23.63
C ALA B 105 -5.40 -3.47 23.21
N ILE B 106 -4.49 -2.49 23.16
CA ILE B 106 -4.69 -1.08 22.75
C ILE B 106 -3.58 -0.67 21.77
N LEU B 107 -3.94 0.12 20.76
CA LEU B 107 -3.01 0.54 19.69
C LEU B 107 -2.12 1.68 20.22
N LYS B 108 -0.84 1.72 19.78
CA LYS B 108 0.19 2.74 20.17
C LYS B 108 1.06 3.09 18.96
N ASP B 109 1.96 4.09 19.09
CA ASP B 109 2.73 4.67 17.96
C ASP B 109 3.05 3.39 17.21
N GLY B 110 2.90 3.35 15.88
CA GLY B 110 3.40 2.25 15.02
C GLY B 110 2.61 0.95 14.87
N ASP B 111 1.46 0.86 15.53
CA ASP B 111 0.58 -0.33 15.40
C ASP B 111 -0.15 -0.24 14.06
N THR B 112 -0.68 -1.37 13.63
CA THR B 112 -1.38 -1.57 12.35
C THR B 112 -2.86 -1.87 12.67
N ILE B 113 -3.78 -1.35 11.88
CA ILE B 113 -5.20 -1.72 12.00
C ILE B 113 -5.48 -2.79 10.95
N GLN B 114 -5.76 -3.99 11.45
CA GLN B 114 -5.81 -5.19 10.58
C GLN B 114 -7.13 -5.13 9.86
N ASP B 115 -8.22 -4.80 10.56
CA ASP B 115 -9.59 -4.80 10.00
C ASP B 115 -9.84 -3.51 9.21
N THR B 116 -9.86 -3.58 7.88
CA THR B 116 -10.12 -2.45 6.95
C THR B 116 -11.28 -2.81 6.01
N LYS B 117 -11.93 -1.80 5.45
CA LYS B 117 -12.88 -1.93 4.33
C LYS B 117 -12.54 -0.85 3.29
N SER B 118 -12.34 -1.29 2.06
CA SER B 118 -11.83 -0.45 0.95
C SER B 118 -12.95 0.45 0.46
N ALA B 119 -12.61 1.56 -0.18
CA ALA B 119 -13.57 2.50 -0.81
C ALA B 119 -14.57 1.72 -1.64
N MET B 120 -15.84 2.16 -1.67
CA MET B 120 -16.86 1.65 -2.64
C MET B 120 -16.49 2.13 -4.04
N VAL B 121 -16.91 1.38 -5.05
CA VAL B 121 -16.54 1.65 -6.47
C VAL B 121 -17.83 1.89 -7.22
N LEU B 122 -18.09 3.12 -7.64
CA LEU B 122 -19.41 3.50 -8.18
C LEU B 122 -19.88 2.44 -9.22
N GLU B 123 -18.93 1.94 -10.03
CA GLU B 123 -19.16 0.98 -11.14
C GLU B 123 -19.57 -0.37 -10.57
N ASP B 124 -19.07 -0.78 -9.40
CA ASP B 124 -19.44 -2.07 -8.76
C ASP B 124 -20.87 -1.98 -8.22
N LEU B 125 -21.25 -0.86 -7.61
CA LEU B 125 -22.65 -0.64 -7.11
C LEU B 125 -23.64 -0.71 -8.26
N ILE B 126 -23.29 -0.13 -9.41
CA ILE B 126 -24.20 -0.05 -10.58
C ILE B 126 -24.34 -1.45 -11.15
N GLY B 127 -23.24 -2.20 -11.19
CA GLY B 127 -23.18 -3.56 -11.76
C GLY B 127 -23.91 -4.55 -10.87
N GLN B 128 -23.80 -4.35 -9.56
CA GLN B 128 -24.59 -5.07 -8.53
C GLN B 128 -26.06 -4.74 -8.79
N PHE B 129 -26.42 -3.48 -8.59
CA PHE B 129 -27.81 -2.98 -8.64
C PHE B 129 -28.51 -3.44 -9.93
N LEU B 130 -27.78 -3.76 -11.00
CA LEU B 130 -28.43 -4.15 -12.29
C LEU B 130 -28.28 -5.67 -12.53
N TYR B 131 -27.08 -6.22 -12.34
CA TYR B 131 -26.70 -7.60 -12.76
C TYR B 131 -26.22 -8.39 -11.53
N GLU C 16 9.99 10.85 -12.52
CA GLU C 16 10.02 9.40 -12.79
C GLU C 16 10.10 9.16 -14.30
N PRO C 17 11.05 8.32 -14.80
CA PRO C 17 10.93 7.77 -16.16
C PRO C 17 9.74 6.82 -16.15
N THR C 18 9.14 6.60 -17.31
CA THR C 18 7.90 5.80 -17.46
C THR C 18 8.11 4.74 -18.51
N TYR C 19 7.34 3.66 -18.46
CA TYR C 19 7.31 2.65 -19.54
C TYR C 19 5.94 2.65 -20.21
N THR C 20 5.98 2.46 -21.51
CA THR C 20 4.84 2.52 -22.46
C THR C 20 4.02 1.23 -22.32
N LEU C 21 2.70 1.35 -22.40
CA LEU C 21 1.73 0.24 -22.52
C LEU C 21 0.65 0.67 -23.50
N TYR C 22 0.01 -0.28 -24.16
CA TYR C 22 -1.09 -0.03 -25.10
C TYR C 22 -2.27 -0.89 -24.70
N ALA C 23 -3.47 -0.44 -25.03
CA ALA C 23 -4.74 -1.16 -24.74
C ALA C 23 -5.84 -0.63 -25.65
N THR C 24 -6.66 -1.53 -26.15
CA THR C 24 -7.79 -1.22 -27.05
C THR C 24 -9.09 -1.55 -26.32
N PHE C 25 -10.02 -0.61 -26.34
CA PHE C 25 -11.39 -0.69 -25.77
C PHE C 25 -12.38 -0.52 -26.93
N ASP C 26 -13.63 -0.95 -26.73
CA ASP C 26 -14.77 -0.64 -27.63
C ASP C 26 -15.10 0.85 -27.48
N ASN C 27 -15.16 1.35 -26.25
CA ASN C 27 -15.66 2.72 -25.92
C ASN C 27 -14.85 3.27 -24.74
N ILE C 28 -14.16 4.40 -24.93
CA ILE C 28 -13.28 4.99 -23.88
C ILE C 28 -14.08 6.08 -23.19
N GLY C 29 -15.26 6.42 -23.72
CA GLY C 29 -16.10 7.49 -23.12
C GLY C 29 -15.29 8.73 -22.76
N GLY C 30 -15.40 9.18 -21.50
CA GLY C 30 -14.93 10.53 -21.14
C GLY C 30 -13.44 10.58 -20.90
N LEU C 31 -12.78 9.42 -20.91
CA LEU C 31 -11.31 9.29 -20.76
C LEU C 31 -10.66 10.18 -21.81
N LYS C 32 -9.59 10.87 -21.43
CA LYS C 32 -8.86 11.77 -22.35
C LYS C 32 -7.36 11.69 -22.01
N ALA C 33 -6.54 12.22 -22.91
CA ALA C 33 -5.11 12.49 -22.66
C ALA C 33 -5.00 13.15 -21.28
N ARG C 34 -4.01 12.69 -20.51
CA ARG C 34 -3.62 13.18 -19.17
C ARG C 34 -4.53 12.60 -18.10
N SER C 35 -5.59 11.87 -18.44
CA SER C 35 -6.39 11.06 -17.46
C SER C 35 -5.41 10.17 -16.70
N PRO C 36 -5.60 9.97 -15.37
CA PRO C 36 -4.72 9.07 -14.62
C PRO C 36 -4.92 7.54 -14.83
N VAL C 37 -3.91 6.77 -14.41
CA VAL C 37 -3.97 5.29 -14.24
C VAL C 37 -3.72 5.03 -12.75
N SER C 38 -4.72 4.47 -12.06
CA SER C 38 -4.74 4.18 -10.61
C SER C 38 -4.50 2.67 -10.44
N ILE C 39 -3.89 2.27 -9.33
CA ILE C 39 -3.91 0.88 -8.79
C ILE C 39 -4.35 1.04 -7.34
N GLY C 40 -5.45 0.43 -6.93
CA GLY C 40 -5.91 0.52 -5.53
C GLY C 40 -6.29 1.95 -5.21
N GLY C 41 -6.47 2.78 -6.25
CA GLY C 41 -6.80 4.20 -6.17
C GLY C 41 -5.57 5.08 -6.04
N VAL C 42 -4.38 4.50 -6.22
CA VAL C 42 -3.09 5.25 -6.21
C VAL C 42 -2.64 5.44 -7.65
N VAL C 43 -2.31 6.67 -8.02
CA VAL C 43 -1.94 7.02 -9.42
C VAL C 43 -0.53 6.51 -9.69
N VAL C 44 -0.39 5.74 -10.74
CA VAL C 44 0.87 5.03 -11.11
C VAL C 44 1.28 5.46 -12.53
N GLY C 45 0.57 6.43 -13.11
CA GLY C 45 0.71 6.72 -14.54
C GLY C 45 -0.44 7.53 -15.11
N ARG C 46 -0.37 7.75 -16.43
CA ARG C 46 -1.21 8.71 -17.18
C ARG C 46 -1.50 8.15 -18.56
N VAL C 47 -2.73 8.35 -19.05
CA VAL C 47 -3.05 8.22 -20.50
C VAL C 47 -2.22 9.27 -21.22
N ALA C 48 -1.39 8.83 -22.16
CA ALA C 48 -0.48 9.71 -22.90
C ALA C 48 -1.21 10.17 -24.15
N ASP C 49 -1.80 9.21 -24.86
CA ASP C 49 -2.51 9.52 -26.11
C ASP C 49 -3.68 8.53 -26.27
N ILE C 50 -4.77 9.02 -26.84
CA ILE C 50 -5.90 8.20 -27.35
C ILE C 50 -5.99 8.45 -28.85
N THR C 51 -6.06 7.42 -29.68
CA THR C 51 -6.37 7.57 -31.12
C THR C 51 -7.13 6.34 -31.60
N LEU C 52 -7.79 6.52 -32.74
CA LEU C 52 -8.79 5.58 -33.27
C LEU C 52 -8.12 4.77 -34.38
N ASP C 53 -8.04 3.44 -34.24
CA ASP C 53 -7.36 2.57 -35.24
C ASP C 53 -7.85 2.92 -36.64
N PRO C 54 -6.94 3.29 -37.56
CA PRO C 54 -7.31 3.55 -38.95
C PRO C 54 -8.15 2.43 -39.60
N LYS C 55 -8.05 1.18 -39.14
CA LYS C 55 -8.70 -0.01 -39.76
C LYS C 55 -9.94 -0.44 -38.96
N THR C 56 -9.83 -0.60 -37.64
CA THR C 56 -10.86 -1.23 -36.77
C THR C 56 -11.85 -0.17 -36.26
N TYR C 57 -11.51 1.11 -36.38
CA TYR C 57 -12.26 2.24 -35.79
C TYR C 57 -12.52 1.92 -34.30
N LEU C 58 -11.50 1.39 -33.64
CA LEU C 58 -11.50 1.11 -32.17
C LEU C 58 -10.43 1.97 -31.51
N PRO C 59 -10.76 2.63 -30.38
CA PRO C 59 -9.78 3.49 -29.72
C PRO C 59 -8.64 2.69 -29.07
N ARG C 60 -7.41 3.12 -29.33
CA ARG C 60 -6.15 2.56 -28.78
C ARG C 60 -5.56 3.59 -27.83
N VAL C 61 -5.45 3.22 -26.57
CA VAL C 61 -4.89 4.08 -25.52
C VAL C 61 -3.42 3.72 -25.38
N THR C 62 -2.58 4.75 -25.33
CA THR C 62 -1.15 4.68 -25.00
C THR C 62 -0.98 5.19 -23.57
N LEU C 63 -0.41 4.35 -22.71
CA LEU C 63 -0.22 4.60 -21.26
C LEU C 63 1.25 4.80 -20.96
N GLU C 64 1.55 5.66 -19.99
CA GLU C 64 2.91 5.78 -19.43
C GLU C 64 2.79 5.47 -17.94
N ILE C 65 3.48 4.43 -17.49
CA ILE C 65 3.46 3.92 -16.10
C ILE C 65 4.82 4.28 -15.47
N GLU C 66 4.81 4.85 -14.29
CA GLU C 66 6.06 5.14 -13.53
C GLU C 66 6.86 3.83 -13.43
N GLN C 67 8.19 3.91 -13.62
CA GLN C 67 9.06 2.71 -13.74
C GLN C 67 9.02 1.90 -12.46
N ARG C 68 8.81 2.58 -11.33
CA ARG C 68 8.94 1.93 -10.01
C ARG C 68 7.83 0.87 -9.87
N TYR C 69 6.87 0.82 -10.80
CA TYR C 69 5.84 -0.24 -10.83
C TYR C 69 6.08 -1.10 -12.08
N ASN C 70 7.17 -1.88 -12.05
CA ASN C 70 7.68 -2.65 -13.21
C ASN C 70 7.11 -4.08 -13.18
N HIS C 71 6.81 -4.65 -12.01
CA HIS C 71 6.40 -6.09 -11.87
C HIS C 71 4.86 -6.25 -12.01
N ILE C 72 4.23 -5.70 -13.06
CA ILE C 72 2.77 -5.90 -13.37
C ILE C 72 2.59 -7.01 -14.39
N PRO C 73 1.88 -8.12 -14.07
CA PRO C 73 1.61 -9.23 -15.01
C PRO C 73 0.66 -8.98 -16.20
N ASP C 74 0.77 -9.78 -17.29
CA ASP C 74 -0.11 -9.75 -18.49
C ASP C 74 -1.56 -10.00 -18.13
N THR C 75 -1.84 -10.74 -17.04
CA THR C 75 -3.23 -11.17 -16.68
C THR C 75 -3.99 -9.97 -16.05
N SER C 76 -3.26 -8.89 -15.78
CA SER C 76 -3.81 -7.56 -15.43
C SER C 76 -4.87 -7.10 -16.44
N SER C 77 -5.77 -6.25 -15.97
CA SER C 77 -6.85 -5.62 -16.76
C SER C 77 -6.85 -4.09 -16.59
N LEU C 78 -7.56 -3.41 -17.50
CA LEU C 78 -7.98 -2.00 -17.32
C LEU C 78 -9.50 -1.94 -17.40
N SER C 79 -10.11 -1.15 -16.51
CA SER C 79 -11.51 -0.67 -16.58
C SER C 79 -11.47 0.84 -16.65
N ILE C 80 -12.36 1.42 -17.45
CA ILE C 80 -12.61 2.88 -17.42
C ILE C 80 -13.66 3.11 -16.34
N ARG C 81 -13.38 4.04 -15.43
CA ARG C 81 -14.22 4.35 -14.26
C ARG C 81 -14.34 5.86 -14.07
N THR C 82 -15.28 6.26 -13.20
CA THR C 82 -15.56 7.67 -12.84
C THR C 82 -15.22 7.85 -11.36
N SER C 83 -14.69 9.02 -10.97
CA SER C 83 -14.26 9.37 -9.58
C SER C 83 -15.38 10.12 -8.83
N GLY C 84 -16.24 9.39 -8.12
CA GLY C 84 -17.53 9.88 -7.59
C GLY C 84 -18.55 10.01 -8.69
N LEU C 85 -19.71 10.59 -8.40
CA LEU C 85 -20.87 10.55 -9.34
C LEU C 85 -20.62 11.49 -10.52
N LEU C 86 -20.23 12.74 -10.28
CA LEU C 86 -19.97 13.77 -11.32
C LEU C 86 -18.46 13.86 -11.58
N GLY C 87 -17.72 12.81 -11.20
CA GLY C 87 -16.24 12.78 -11.20
C GLY C 87 -15.70 12.85 -12.61
N GLU C 88 -14.38 12.85 -12.77
CA GLU C 88 -13.75 12.67 -14.11
C GLU C 88 -13.45 11.17 -14.28
N GLN C 89 -13.16 10.77 -15.52
CA GLN C 89 -12.89 9.37 -15.95
C GLN C 89 -11.40 9.05 -15.73
N TYR C 90 -11.10 7.83 -15.30
CA TYR C 90 -9.72 7.38 -15.02
C TYR C 90 -9.64 5.91 -15.38
N LEU C 91 -8.46 5.31 -15.35
CA LEU C 91 -8.24 3.90 -15.73
C LEU C 91 -7.89 3.12 -14.47
N ALA C 92 -8.68 2.11 -14.17
CA ALA C 92 -8.40 1.24 -13.02
C ALA C 92 -7.65 0.02 -13.54
N LEU C 93 -6.34 0.00 -13.27
CA LEU C 93 -5.46 -1.16 -13.57
C LEU C 93 -5.62 -2.13 -12.40
N ASN C 94 -6.12 -3.32 -12.71
CA ASN C 94 -6.26 -4.42 -11.73
C ASN C 94 -5.09 -5.39 -11.95
N VAL C 95 -4.16 -5.47 -11.01
CA VAL C 95 -2.98 -6.37 -11.09
C VAL C 95 -3.52 -7.80 -11.01
N GLY C 96 -3.26 -8.63 -12.04
CA GLY C 96 -3.75 -10.03 -12.14
C GLY C 96 -2.83 -10.98 -11.42
N PHE C 97 -3.26 -12.23 -11.22
CA PHE C 97 -2.51 -13.27 -10.45
C PHE C 97 -1.35 -13.77 -11.33
N GLU C 98 -0.13 -13.95 -10.82
CA GLU C 98 1.06 -14.35 -11.64
C GLU C 98 1.33 -15.86 -11.44
N ASP C 99 1.51 -16.64 -12.51
CA ASP C 99 1.40 -18.14 -12.47
C ASP C 99 2.29 -18.80 -13.55
N PRO C 100 3.05 -19.90 -13.28
CA PRO C 100 4.07 -20.46 -14.20
C PRO C 100 3.95 -20.35 -15.73
N THR C 104 1.42 -15.49 -16.07
CA THR C 104 2.22 -15.49 -17.33
C THR C 104 3.46 -14.60 -17.05
N ALA C 105 3.74 -13.61 -17.90
CA ALA C 105 4.97 -12.78 -17.91
C ALA C 105 4.70 -11.42 -17.24
N ILE C 106 5.56 -10.43 -17.51
CA ILE C 106 5.50 -9.05 -16.95
C ILE C 106 5.48 -8.01 -18.09
N LEU C 107 4.75 -6.92 -17.90
CA LEU C 107 4.56 -5.90 -18.95
C LEU C 107 5.76 -4.92 -18.88
N LYS C 108 6.23 -4.41 -20.05
CA LYS C 108 7.39 -3.46 -20.23
C LYS C 108 7.21 -2.62 -21.51
N ASP C 109 8.04 -1.56 -21.71
CA ASP C 109 7.82 -0.53 -22.78
C ASP C 109 7.33 -1.32 -24.00
N GLY C 110 6.08 -1.08 -24.43
CA GLY C 110 5.54 -1.52 -25.73
C GLY C 110 4.53 -2.65 -25.62
N ASP C 111 4.39 -3.27 -24.45
CA ASP C 111 3.47 -4.41 -24.27
C ASP C 111 2.02 -3.91 -24.32
N THR C 112 1.10 -4.81 -24.63
CA THR C 112 -0.34 -4.51 -24.79
C THR C 112 -1.08 -5.19 -23.64
N ILE C 113 -2.12 -4.53 -23.13
CA ILE C 113 -3.04 -5.21 -22.17
C ILE C 113 -4.25 -5.69 -22.97
N GLN C 114 -4.38 -7.01 -23.01
CA GLN C 114 -5.44 -7.75 -23.71
C GLN C 114 -6.76 -7.42 -23.03
N ASP C 115 -6.80 -7.63 -21.72
CA ASP C 115 -8.03 -7.62 -20.90
C ASP C 115 -8.43 -6.18 -20.57
N THR C 116 -9.49 -5.67 -21.20
CA THR C 116 -9.99 -4.27 -21.03
C THR C 116 -11.49 -4.29 -20.72
N LYS C 117 -12.02 -3.21 -20.16
CA LYS C 117 -13.48 -3.03 -19.93
C LYS C 117 -13.83 -1.59 -20.30
N SER C 118 -14.76 -1.42 -21.23
CA SER C 118 -15.06 -0.11 -21.84
C SER C 118 -15.92 0.71 -20.88
N ALA C 119 -15.84 2.04 -20.94
CA ALA C 119 -16.64 3.00 -20.15
C ALA C 119 -18.10 2.55 -20.19
N MET C 120 -18.85 2.73 -19.08
CA MET C 120 -20.33 2.56 -19.02
C MET C 120 -20.98 3.67 -19.85
N VAL C 121 -22.14 3.41 -20.44
CA VAL C 121 -22.88 4.45 -21.21
C VAL C 121 -24.21 4.70 -20.53
N LEU C 122 -24.37 5.90 -19.97
CA LEU C 122 -25.55 6.27 -19.15
C LEU C 122 -26.86 5.76 -19.78
N GLU C 123 -26.99 5.87 -21.11
CA GLU C 123 -28.21 5.51 -21.86
C GLU C 123 -28.43 4.00 -21.83
N ASP C 124 -27.37 3.19 -21.78
CA ASP C 124 -27.48 1.71 -21.76
C ASP C 124 -27.95 1.28 -20.37
N LEU C 125 -27.44 1.91 -19.31
CA LEU C 125 -27.87 1.61 -17.91
C LEU C 125 -29.34 1.98 -17.71
N ILE C 126 -29.80 3.08 -18.31
CA ILE C 126 -31.21 3.54 -18.12
C ILE C 126 -32.12 2.58 -18.88
N GLY C 127 -31.65 2.09 -20.02
CA GLY C 127 -32.40 1.16 -20.89
C GLY C 127 -32.48 -0.23 -20.27
N GLN C 128 -31.40 -0.63 -19.60
CA GLN C 128 -31.36 -1.82 -18.72
C GLN C 128 -32.39 -1.61 -17.61
N PHE C 129 -32.13 -0.62 -16.75
CA PHE C 129 -32.94 -0.35 -15.55
C PHE C 129 -34.44 -0.25 -15.88
N LEU C 130 -34.84 0.01 -17.13
CA LEU C 130 -36.28 0.16 -17.50
C LEU C 130 -36.76 -1.07 -18.29
N TYR C 131 -35.99 -1.49 -19.31
CA TYR C 131 -36.39 -2.49 -20.33
C TYR C 131 -35.41 -3.67 -20.34
#